data_3UKX
#
_entry.id   3UKX
#
_cell.length_a   79.187
_cell.length_b   90.187
_cell.length_c   100.221
_cell.angle_alpha   90.00
_cell.angle_beta   90.00
_cell.angle_gamma   90.00
#
_symmetry.space_group_name_H-M   'P 21 21 21'
#
loop_
_entity.id
_entity.type
_entity.pdbx_description
1 polymer 'Importin subunit alpha-2'
2 polymer 'Bimax2 peptide'
3 water water
#
loop_
_entity_poly.entity_id
_entity_poly.type
_entity_poly.pdbx_seq_one_letter_code
_entity_poly.pdbx_strand_id
1 'polypeptide(L)'
;MHHHHHHSSGLVPRGSGMLETAAALFERNHMDSPDLGTDDDDLAMADIGSNQGTVNWSVEDIVKGINSNNLESQLQATQA
ARKLLSREKQPPIDNIIRAGLIPKFVSFLGKTDCSPIQFESAWALTNIASGTSEQTKAVVDGGAIPAFISLLASPHAHIS
EQAVWALGNIAGDGSAFRDLVIKHGAIDPLLALLAVPDLSTLACGYLRNLTWTLSNLCRNKNPAPPLDAVEQILPTLVRL
LHHNDPEVLADSCWAISYLTDGPNERIEMVVKKGVVPQLVKLLGATELPIVTPALRAIGNIVTGTDEQTQKVIDAGALAV
FPSLLTNPKTNIQKEATWTMSNITAGRQDQIQQVVNHGLVPFLVGVLSKADFKTQKEAAWAITNYTSGGTVEQIVYLVHC
GIIEPLMNLLSAKDTKIIQVILDAISNIFQAAEKLGETEKLSIMIEECGGLDKIEALQRHENESVYKASLNLIEKYFSVE
EEEDQNVVPETTSEGFAFQVQDGAPGTFNF
;
B
2 'polypeptide(L)' GSRRRRRRKRKREWDDDDDPPKKRRRLD C
#
# COMPACT_ATOMS: atom_id res chain seq x y z
N GLY A 53 17.54 -35.19 17.67
CA GLY A 53 17.54 -36.02 16.47
C GLY A 53 18.04 -35.25 15.25
N THR A 54 17.22 -34.33 14.77
CA THR A 54 17.60 -33.51 13.61
C THR A 54 17.81 -32.06 14.01
N VAL A 55 18.11 -31.82 15.28
CA VAL A 55 18.33 -30.46 15.77
C VAL A 55 19.81 -30.07 15.76
N ASN A 56 20.10 -28.90 15.19
CA ASN A 56 21.42 -28.32 15.28
C ASN A 56 22.50 -29.10 14.52
N TRP A 57 22.14 -29.67 13.37
CA TRP A 57 23.14 -30.32 12.51
C TRP A 57 24.02 -29.27 11.87
N SER A 58 25.28 -29.63 11.63
CA SER A 58 26.16 -28.78 10.83
C SER A 58 25.77 -28.96 9.38
N VAL A 59 26.10 -27.98 8.55
CA VAL A 59 25.81 -28.07 7.12
C VAL A 59 26.50 -29.29 6.55
N GLU A 60 27.70 -29.56 7.03
CA GLU A 60 28.50 -30.71 6.60
C GLU A 60 27.76 -32.04 6.75
N ASP A 61 27.20 -32.27 7.94
CA ASP A 61 26.39 -33.45 8.18
C ASP A 61 25.15 -33.50 7.26
N ILE A 62 24.49 -32.36 7.10
CA ILE A 62 23.32 -32.29 6.22
C ILE A 62 23.69 -32.75 4.81
N VAL A 63 24.82 -32.25 4.31
CA VAL A 63 25.31 -32.63 2.99
C VAL A 63 25.57 -34.12 2.92
N LYS A 64 26.19 -34.66 3.97
CA LYS A 64 26.51 -36.08 4.02
C LYS A 64 25.24 -36.94 3.95
N GLY A 65 24.22 -36.56 4.70
CA GLY A 65 22.96 -37.29 4.70
C GLY A 65 22.28 -37.21 3.33
N ILE A 66 22.23 -36.01 2.78
CA ILE A 66 21.54 -35.79 1.52
C ILE A 66 22.25 -36.48 0.35
N ASN A 67 23.58 -36.56 0.43
CA ASN A 67 24.36 -37.22 -0.62
C ASN A 67 24.40 -38.75 -0.50
N SER A 68 23.91 -39.27 0.61
CA SER A 68 23.82 -40.72 0.79
C SER A 68 22.76 -41.23 -0.18
N ASN A 69 22.80 -42.51 -0.51
CA ASN A 69 21.79 -43.01 -1.45
C ASN A 69 20.62 -43.67 -0.72
N ASN A 70 20.29 -43.13 0.45
CA ASN A 70 19.29 -43.70 1.34
C ASN A 70 18.20 -42.68 1.60
N LEU A 71 17.00 -42.95 1.10
CA LEU A 71 15.92 -41.98 1.15
C LEU A 71 15.58 -41.54 2.57
N GLU A 72 15.63 -42.45 3.53
CA GLU A 72 15.42 -42.09 4.93
C GLU A 72 16.52 -41.17 5.44
N SER A 73 17.77 -41.48 5.09
CA SER A 73 18.88 -40.64 5.47
C SER A 73 18.72 -39.24 4.88
N GLN A 74 18.22 -39.20 3.64
CA GLN A 74 17.99 -37.93 2.98
C GLN A 74 16.87 -37.15 3.67
N LEU A 75 15.81 -37.85 4.04
CA LEU A 75 14.68 -37.24 4.72
C LEU A 75 15.13 -36.61 6.05
N GLN A 76 15.87 -37.40 6.82
CA GLN A 76 16.44 -36.96 8.10
C GLN A 76 17.29 -35.70 7.92
N ALA A 77 18.23 -35.76 6.99
CA ALA A 77 19.09 -34.62 6.70
C ALA A 77 18.31 -33.39 6.19
N THR A 78 17.27 -33.62 5.39
CA THR A 78 16.48 -32.52 4.85
C THR A 78 15.73 -31.80 5.96
N GLN A 79 15.15 -32.57 6.87
CA GLN A 79 14.45 -32.02 8.03
C GLN A 79 15.44 -31.20 8.86
N ALA A 80 16.67 -31.70 9.00
CA ALA A 80 17.69 -30.98 9.75
C ALA A 80 17.97 -29.63 9.11
N ALA A 81 18.02 -29.61 7.78
CA ALA A 81 18.20 -28.37 7.03
C ALA A 81 17.01 -27.44 7.29
N ARG A 82 15.80 -28.00 7.24
CA ARG A 82 14.60 -27.22 7.51
C ARG A 82 14.66 -26.55 8.87
N LYS A 83 15.21 -27.24 9.87
CA LYS A 83 15.28 -26.68 11.22
C LYS A 83 16.32 -25.58 11.37
N LEU A 84 17.48 -25.75 10.72
CA LEU A 84 18.46 -24.66 10.66
C LEU A 84 17.82 -23.42 10.04
N LEU A 85 17.10 -23.65 8.95
CA LEU A 85 16.52 -22.56 8.16
C LEU A 85 15.31 -21.94 8.84
N SER A 86 14.83 -22.57 9.91
CA SER A 86 13.65 -22.10 10.63
C SER A 86 14.00 -21.48 11.98
N ARG A 87 15.29 -21.49 12.33
CA ARG A 87 15.68 -21.01 13.65
C ARG A 87 15.48 -19.50 13.77
N GLU A 88 15.39 -19.02 15.01
CA GLU A 88 15.04 -17.65 15.29
C GLU A 88 16.01 -16.64 14.68
N LYS A 89 17.31 -16.92 14.79
CA LYS A 89 18.34 -15.95 14.40
C LYS A 89 19.26 -16.42 13.29
N GLN A 90 19.42 -15.57 12.28
CA GLN A 90 20.44 -15.75 11.25
C GLN A 90 20.50 -17.13 10.63
N PRO A 91 19.42 -17.57 9.98
CA PRO A 91 19.46 -18.84 9.27
C PRO A 91 20.63 -18.86 8.29
N PRO A 92 21.37 -19.97 8.24
CA PRO A 92 22.57 -20.05 7.38
C PRO A 92 22.18 -20.32 5.94
N ILE A 93 21.45 -19.37 5.35
CA ILE A 93 20.94 -19.53 3.99
C ILE A 93 22.06 -19.65 2.95
N ASP A 94 23.04 -18.75 3.01
CA ASP A 94 24.12 -18.78 2.03
C ASP A 94 24.94 -20.06 2.12
N ASN A 95 25.23 -20.49 3.34
CA ASN A 95 25.95 -21.75 3.55
C ASN A 95 25.22 -22.95 2.92
N ILE A 96 23.90 -22.98 3.09
CA ILE A 96 23.10 -24.03 2.48
C ILE A 96 23.18 -23.95 0.96
N ILE A 97 23.07 -22.74 0.42
CA ILE A 97 23.19 -22.54 -1.02
C ILE A 97 24.58 -22.98 -1.54
N ARG A 98 25.64 -22.51 -0.88
CA ARG A 98 26.99 -22.83 -1.32
C ARG A 98 27.27 -24.34 -1.28
N ALA A 99 26.62 -25.05 -0.37
CA ALA A 99 26.79 -26.50 -0.28
C ALA A 99 26.15 -27.20 -1.48
N GLY A 100 25.44 -26.45 -2.30
CA GLY A 100 24.83 -27.00 -3.50
C GLY A 100 23.60 -27.86 -3.24
N LEU A 101 22.86 -27.54 -2.18
CA LEU A 101 21.71 -28.36 -1.77
C LEU A 101 20.41 -28.07 -2.53
N ILE A 102 20.33 -26.93 -3.21
CA ILE A 102 19.07 -26.54 -3.85
C ILE A 102 18.53 -27.54 -4.89
N PRO A 103 19.38 -27.99 -5.83
CA PRO A 103 18.94 -29.00 -6.80
C PRO A 103 18.42 -30.28 -6.14
N LYS A 104 19.01 -30.69 -5.02
CA LYS A 104 18.54 -31.87 -4.31
C LYS A 104 17.16 -31.64 -3.71
N PHE A 105 17.00 -30.49 -3.05
CA PHE A 105 15.71 -30.12 -2.46
C PHE A 105 14.64 -30.11 -3.54
N VAL A 106 14.98 -29.52 -4.69
CA VAL A 106 14.01 -29.42 -5.77
C VAL A 106 13.60 -30.79 -6.28
N SER A 107 14.57 -31.71 -6.40
CA SER A 107 14.26 -33.06 -6.85
C SER A 107 13.39 -33.78 -5.82
N PHE A 108 13.61 -33.48 -4.54
CA PHE A 108 12.80 -34.07 -3.47
C PHE A 108 11.34 -33.63 -3.55
N LEU A 109 11.09 -32.45 -4.14
CA LEU A 109 9.72 -31.96 -4.31
C LEU A 109 8.90 -32.91 -5.18
N GLY A 110 9.57 -33.60 -6.10
CA GLY A 110 8.90 -34.48 -7.03
C GLY A 110 8.68 -35.90 -6.53
N LYS A 111 9.11 -36.19 -5.30
CA LYS A 111 8.99 -37.55 -4.77
C LYS A 111 7.63 -37.85 -4.15
N THR A 112 6.65 -38.13 -5.00
CA THR A 112 5.27 -38.37 -4.57
C THR A 112 5.18 -39.52 -3.57
N ASP A 113 6.12 -40.45 -3.67
CA ASP A 113 6.11 -41.65 -2.85
C ASP A 113 6.59 -41.42 -1.42
N CYS A 114 7.16 -40.24 -1.16
CA CYS A 114 7.65 -39.90 0.17
C CYS A 114 7.21 -38.49 0.54
N SER A 115 5.95 -38.35 0.96
CA SER A 115 5.37 -37.05 1.21
C SER A 115 6.15 -36.24 2.26
N PRO A 116 6.69 -36.89 3.29
CA PRO A 116 7.44 -36.07 4.26
C PRO A 116 8.65 -35.34 3.67
N ILE A 117 9.40 -35.97 2.77
CA ILE A 117 10.55 -35.29 2.19
C ILE A 117 10.08 -34.16 1.26
N GLN A 118 8.89 -34.32 0.69
CA GLN A 118 8.28 -33.25 -0.09
C GLN A 118 7.98 -32.05 0.79
N PHE A 119 7.41 -32.30 1.96
CA PHE A 119 7.09 -31.25 2.91
C PHE A 119 8.36 -30.55 3.40
N GLU A 120 9.31 -31.33 3.88
CA GLU A 120 10.56 -30.78 4.42
C GLU A 120 11.36 -29.96 3.41
N SER A 121 11.51 -30.46 2.18
CA SER A 121 12.21 -29.71 1.17
C SER A 121 11.42 -28.47 0.73
N ALA A 122 10.09 -28.60 0.68
CA ALA A 122 9.24 -27.44 0.40
C ALA A 122 9.47 -26.36 1.43
N TRP A 123 9.52 -26.76 2.69
CA TRP A 123 9.73 -25.84 3.79
C TRP A 123 11.14 -25.22 3.72
N ALA A 124 12.16 -26.04 3.51
CA ALA A 124 13.53 -25.53 3.40
C ALA A 124 13.65 -24.50 2.27
N LEU A 125 13.14 -24.86 1.09
CA LEU A 125 13.22 -23.99 -0.07
C LEU A 125 12.43 -22.72 0.14
N THR A 126 11.28 -22.83 0.80
CA THR A 126 10.49 -21.65 1.16
C THR A 126 11.34 -20.65 1.91
N ASN A 127 12.07 -21.13 2.91
CA ASN A 127 12.87 -20.25 3.77
C ASN A 127 14.09 -19.67 3.07
N ILE A 128 14.73 -20.47 2.21
CA ILE A 128 15.77 -19.92 1.36
C ILE A 128 15.18 -18.79 0.52
N ALA A 129 14.02 -19.04 -0.09
CA ALA A 129 13.38 -18.06 -0.96
C ALA A 129 12.91 -16.80 -0.22
N SER A 130 12.85 -16.86 1.11
CA SER A 130 12.41 -15.72 1.91
C SER A 130 13.49 -14.67 2.13
N GLY A 131 14.69 -14.92 1.62
CA GLY A 131 15.82 -14.03 1.86
C GLY A 131 15.96 -12.92 0.81
N THR A 132 17.21 -12.61 0.47
CA THR A 132 17.49 -11.58 -0.54
C THR A 132 17.06 -12.02 -1.93
N SER A 133 17.02 -11.06 -2.86
CA SER A 133 16.72 -11.40 -4.26
C SER A 133 17.65 -12.49 -4.78
N GLU A 134 18.93 -12.41 -4.41
CA GLU A 134 19.90 -13.38 -4.89
C GLU A 134 19.58 -14.77 -4.33
N GLN A 135 19.14 -14.81 -3.08
CA GLN A 135 18.77 -16.07 -2.46
C GLN A 135 17.49 -16.63 -3.08
N THR A 136 16.52 -15.76 -3.36
CA THR A 136 15.32 -16.20 -4.06
C THR A 136 15.69 -16.70 -5.47
N LYS A 137 16.56 -15.96 -6.15
CA LYS A 137 17.03 -16.35 -7.48
C LYS A 137 17.62 -17.77 -7.45
N ALA A 138 18.38 -18.10 -6.42
CA ALA A 138 18.99 -19.43 -6.37
C ALA A 138 17.89 -20.49 -6.38
N VAL A 139 16.80 -20.20 -5.69
CA VAL A 139 15.69 -21.14 -5.64
C VAL A 139 15.03 -21.24 -7.02
N VAL A 140 14.79 -20.10 -7.66
CA VAL A 140 14.23 -20.13 -9.00
C VAL A 140 15.15 -20.86 -9.99
N ASP A 141 16.44 -20.54 -9.96
CA ASP A 141 17.42 -21.15 -10.86
C ASP A 141 17.45 -22.67 -10.77
N GLY A 142 17.08 -23.20 -9.60
CA GLY A 142 17.04 -24.63 -9.40
C GLY A 142 15.83 -25.33 -10.01
N GLY A 143 14.93 -24.56 -10.61
CA GLY A 143 13.74 -25.13 -11.23
C GLY A 143 12.57 -25.32 -10.26
N ALA A 144 12.60 -24.59 -9.16
CA ALA A 144 11.58 -24.74 -8.13
C ALA A 144 10.16 -24.33 -8.55
N ILE A 145 10.05 -23.39 -9.48
CA ILE A 145 8.72 -22.83 -9.79
C ILE A 145 7.70 -23.87 -10.28
N PRO A 146 8.02 -24.61 -11.36
CA PRO A 146 7.02 -25.59 -11.82
C PRO A 146 6.84 -26.72 -10.82
N ALA A 147 7.88 -27.06 -10.07
CA ALA A 147 7.80 -28.13 -9.08
C ALA A 147 6.83 -27.75 -7.96
N PHE A 148 6.90 -26.50 -7.52
CA PHE A 148 5.97 -25.98 -6.52
C PHE A 148 4.55 -25.90 -7.05
N ILE A 149 4.41 -25.47 -8.29
CA ILE A 149 3.08 -25.40 -8.89
C ILE A 149 2.44 -26.79 -8.98
N SER A 150 3.23 -27.79 -9.34
CA SER A 150 2.76 -29.17 -9.35
C SER A 150 2.28 -29.62 -7.97
N LEU A 151 2.92 -29.10 -6.93
CA LEU A 151 2.58 -29.50 -5.56
C LEU A 151 1.28 -28.87 -5.06
N LEU A 152 0.78 -27.86 -5.78
CA LEU A 152 -0.47 -27.23 -5.40
C LEU A 152 -1.63 -28.24 -5.46
N ALA A 153 -1.44 -29.29 -6.26
CA ALA A 153 -2.46 -30.33 -6.44
C ALA A 153 -2.32 -31.48 -5.44
N SER A 154 -1.29 -31.44 -4.61
CA SER A 154 -1.03 -32.50 -3.65
C SER A 154 -2.27 -32.79 -2.79
N PRO A 155 -2.54 -34.08 -2.55
CA PRO A 155 -3.63 -34.49 -1.65
C PRO A 155 -3.35 -34.10 -0.21
N HIS A 156 -2.10 -33.75 0.10
CA HIS A 156 -1.71 -33.38 1.46
C HIS A 156 -1.77 -31.88 1.63
N ALA A 157 -2.75 -31.41 2.42
CA ALA A 157 -3.00 -29.99 2.57
C ALA A 157 -1.78 -29.25 3.09
N HIS A 158 -1.01 -29.89 3.95
CA HIS A 158 0.15 -29.22 4.54
C HIS A 158 1.27 -29.04 3.53
N ILE A 159 1.31 -29.88 2.51
CA ILE A 159 2.31 -29.77 1.44
C ILE A 159 1.85 -28.73 0.41
N SER A 160 0.59 -28.81 0.02
CA SER A 160 -0.02 -27.83 -0.86
C SER A 160 0.13 -26.43 -0.27
N GLU A 161 -0.18 -26.29 1.01
CA GLU A 161 -0.01 -25.03 1.70
C GLU A 161 1.42 -24.52 1.63
N GLN A 162 2.39 -25.41 1.80
CA GLN A 162 3.78 -24.98 1.82
C GLN A 162 4.21 -24.47 0.44
N ALA A 163 3.71 -25.12 -0.60
CA ALA A 163 3.98 -24.71 -1.97
C ALA A 163 3.36 -23.34 -2.24
N VAL A 164 2.16 -23.11 -1.68
CA VAL A 164 1.51 -21.80 -1.79
C VAL A 164 2.43 -20.75 -1.18
N TRP A 165 2.93 -21.04 0.01
CA TRP A 165 3.83 -20.15 0.72
C TRP A 165 5.08 -19.84 -0.12
N ALA A 166 5.71 -20.89 -0.64
CA ALA A 166 6.94 -20.72 -1.44
C ALA A 166 6.70 -19.82 -2.65
N LEU A 167 5.62 -20.07 -3.38
CA LEU A 167 5.32 -19.26 -4.56
C LEU A 167 5.07 -17.80 -4.16
N GLY A 168 4.49 -17.60 -2.99
CA GLY A 168 4.33 -16.25 -2.46
C GLY A 168 5.66 -15.54 -2.26
N ASN A 169 6.65 -16.24 -1.73
CA ASN A 169 7.98 -15.65 -1.55
C ASN A 169 8.66 -15.35 -2.87
N ILE A 170 8.50 -16.25 -3.84
CA ILE A 170 9.10 -16.07 -5.15
C ILE A 170 8.47 -14.86 -5.84
N ALA A 171 7.14 -14.86 -5.95
CA ALA A 171 6.43 -13.74 -6.56
C ALA A 171 6.69 -12.45 -5.79
N GLY A 172 6.86 -12.56 -4.48
CA GLY A 172 7.06 -11.40 -3.65
C GLY A 172 8.34 -10.64 -3.94
N ASP A 173 9.30 -11.29 -4.60
CA ASP A 173 10.60 -10.66 -4.86
C ASP A 173 10.54 -9.44 -5.77
N GLY A 174 9.58 -9.43 -6.69
CA GLY A 174 9.47 -8.31 -7.62
C GLY A 174 8.76 -8.70 -8.90
N SER A 175 8.62 -7.73 -9.80
CA SER A 175 7.87 -7.89 -11.04
C SER A 175 8.26 -9.09 -11.88
N ALA A 176 9.56 -9.26 -12.11
CA ALA A 176 10.04 -10.30 -13.01
C ALA A 176 9.68 -11.69 -12.51
N PHE A 177 10.00 -12.00 -11.25
CA PHE A 177 9.68 -13.32 -10.72
C PHE A 177 8.17 -13.51 -10.59
N ARG A 178 7.47 -12.43 -10.26
CA ARG A 178 6.01 -12.44 -10.19
C ARG A 178 5.44 -12.89 -11.53
N ASP A 179 5.90 -12.25 -12.59
CA ASP A 179 5.40 -12.55 -13.93
C ASP A 179 5.85 -13.93 -14.39
N LEU A 180 7.03 -14.36 -13.94
CA LEU A 180 7.52 -15.71 -14.27
C LEU A 180 6.65 -16.77 -13.62
N VAL A 181 6.28 -16.53 -12.36
CA VAL A 181 5.39 -17.45 -11.66
C VAL A 181 4.05 -17.56 -12.40
N ILE A 182 3.55 -16.41 -12.87
CA ILE A 182 2.30 -16.38 -13.64
C ILE A 182 2.45 -17.14 -14.96
N LYS A 183 3.57 -16.95 -15.65
CA LYS A 183 3.79 -17.62 -16.93
C LYS A 183 3.85 -19.14 -16.76
N HIS A 184 4.31 -19.60 -15.60
CA HIS A 184 4.36 -21.03 -15.32
C HIS A 184 2.97 -21.59 -14.98
N GLY A 185 1.96 -20.74 -14.93
CA GLY A 185 0.60 -21.19 -14.73
C GLY A 185 0.15 -21.36 -13.29
N ALA A 186 0.66 -20.54 -12.39
CA ALA A 186 0.33 -20.66 -10.97
C ALA A 186 -1.12 -20.27 -10.65
N ILE A 187 -1.65 -19.28 -11.36
CA ILE A 187 -2.93 -18.70 -10.96
C ILE A 187 -4.10 -19.68 -10.91
N ASP A 188 -4.27 -20.48 -11.97
CA ASP A 188 -5.37 -21.43 -12.05
C ASP A 188 -5.42 -22.39 -10.85
N PRO A 189 -4.32 -23.08 -10.57
CA PRO A 189 -4.39 -24.00 -9.43
C PRO A 189 -4.52 -23.29 -8.07
N LEU A 190 -3.99 -22.07 -7.95
CA LEU A 190 -4.15 -21.34 -6.70
C LEU A 190 -5.63 -21.01 -6.49
N LEU A 191 -6.26 -20.47 -7.53
CA LEU A 191 -7.67 -20.09 -7.46
C LEU A 191 -8.55 -21.31 -7.20
N ALA A 192 -8.19 -22.45 -7.80
CA ALA A 192 -8.95 -23.68 -7.62
C ALA A 192 -9.00 -24.11 -6.16
N LEU A 193 -7.94 -23.83 -5.41
CA LEU A 193 -7.91 -24.15 -3.99
C LEU A 193 -8.95 -23.34 -3.20
N LEU A 194 -9.40 -22.23 -3.78
CA LEU A 194 -10.38 -21.36 -3.12
C LEU A 194 -11.78 -21.53 -3.69
N ALA A 195 -11.93 -22.45 -4.64
CA ALA A 195 -13.23 -22.68 -5.26
C ALA A 195 -14.11 -23.59 -4.40
N VAL A 196 -14.56 -23.05 -3.27
CA VAL A 196 -15.44 -23.77 -2.36
C VAL A 196 -16.68 -22.93 -2.13
N PRO A 197 -17.80 -23.57 -1.71
CA PRO A 197 -19.04 -22.82 -1.45
C PRO A 197 -18.87 -21.79 -0.33
N ASP A 198 -18.13 -22.15 0.71
CA ASP A 198 -17.95 -21.25 1.84
C ASP A 198 -16.51 -21.29 2.33
N LEU A 199 -15.81 -20.16 2.19
CA LEU A 199 -14.41 -20.05 2.59
C LEU A 199 -14.18 -20.52 4.03
N SER A 200 -15.24 -20.49 4.85
CA SER A 200 -15.13 -20.81 6.27
C SER A 200 -14.77 -22.27 6.56
N THR A 201 -14.92 -23.13 5.56
CA THR A 201 -14.63 -24.54 5.74
C THR A 201 -13.14 -24.83 5.57
N LEU A 202 -12.41 -23.85 5.00
CA LEU A 202 -10.97 -24.00 4.82
C LEU A 202 -10.26 -23.75 6.14
N ALA A 203 -9.16 -24.46 6.35
CA ALA A 203 -8.33 -24.20 7.52
C ALA A 203 -7.85 -22.75 7.49
N CYS A 204 -7.96 -22.09 8.64
CA CYS A 204 -7.66 -20.67 8.77
C CYS A 204 -6.25 -20.29 8.27
N GLY A 205 -5.23 -21.00 8.72
CA GLY A 205 -3.86 -20.67 8.34
C GLY A 205 -3.65 -20.85 6.85
N TYR A 206 -4.32 -21.88 6.32
CA TYR A 206 -4.28 -22.21 4.90
C TYR A 206 -4.87 -21.08 4.05
N LEU A 207 -6.06 -20.61 4.42
CA LEU A 207 -6.71 -19.50 3.73
C LEU A 207 -5.85 -18.23 3.79
N ARG A 208 -5.22 -17.99 4.95
CA ARG A 208 -4.36 -16.83 5.11
C ARG A 208 -3.17 -16.87 4.16
N ASN A 209 -2.55 -18.04 4.03
CA ASN A 209 -1.42 -18.20 3.13
C ASN A 209 -1.82 -18.00 1.67
N LEU A 210 -2.98 -18.54 1.30
CA LEU A 210 -3.52 -18.37 -0.05
C LEU A 210 -3.75 -16.90 -0.36
N THR A 211 -4.44 -16.22 0.55
CA THR A 211 -4.71 -14.79 0.39
C THR A 211 -3.41 -14.00 0.25
N TRP A 212 -2.45 -14.29 1.12
CA TRP A 212 -1.18 -13.57 1.08
C TRP A 212 -0.44 -13.74 -0.25
N THR A 213 -0.36 -14.98 -0.73
CA THR A 213 0.32 -15.23 -1.99
C THR A 213 -0.39 -14.53 -3.15
N LEU A 214 -1.72 -14.57 -3.15
CA LEU A 214 -2.48 -13.88 -4.18
C LEU A 214 -2.19 -12.38 -4.16
N SER A 215 -2.02 -11.83 -2.95
CA SER A 215 -1.70 -10.40 -2.83
C SER A 215 -0.33 -10.08 -3.41
N ASN A 216 0.61 -11.01 -3.30
CA ASN A 216 1.92 -10.81 -3.91
C ASN A 216 1.87 -10.91 -5.44
N LEU A 217 0.91 -11.67 -5.96
CA LEU A 217 0.74 -11.72 -7.42
C LEU A 217 0.13 -10.42 -7.95
N CYS A 218 -0.48 -9.65 -7.05
CA CYS A 218 -1.07 -8.34 -7.40
C CYS A 218 -0.09 -7.20 -7.16
N ARG A 219 1.04 -7.52 -6.56
CA ARG A 219 1.94 -6.49 -6.05
C ARG A 219 3.00 -6.06 -7.08
N ASN A 220 3.57 -4.88 -6.84
CA ASN A 220 4.67 -4.31 -7.64
C ASN A 220 4.23 -3.68 -8.96
N LYS A 221 5.08 -2.79 -9.47
CA LYS A 221 4.82 -2.06 -10.69
C LYS A 221 6.10 -2.10 -11.52
N ASN A 222 6.12 -1.39 -12.63
CA ASN A 222 7.30 -1.40 -13.49
C ASN A 222 7.78 -2.80 -13.86
N PRO A 223 6.89 -3.60 -14.49
CA PRO A 223 5.51 -3.25 -14.80
C PRO A 223 4.53 -3.76 -13.74
N ALA A 224 3.31 -3.25 -13.78
CA ALA A 224 2.22 -3.81 -12.99
C ALA A 224 1.88 -5.19 -13.55
N PRO A 225 1.13 -6.00 -12.79
CA PRO A 225 0.84 -7.36 -13.25
C PRO A 225 0.06 -7.35 -14.56
N PRO A 226 0.13 -8.45 -15.33
CA PRO A 226 -0.61 -8.50 -16.60
C PRO A 226 -2.10 -8.29 -16.38
N LEU A 227 -2.73 -7.51 -17.27
CA LEU A 227 -4.15 -7.22 -17.16
C LEU A 227 -5.01 -8.46 -17.03
N ASP A 228 -4.75 -9.46 -17.87
CA ASP A 228 -5.57 -10.68 -17.86
C ASP A 228 -5.39 -11.47 -16.56
N ALA A 229 -4.21 -11.36 -15.96
CA ALA A 229 -3.95 -12.03 -14.68
C ALA A 229 -4.73 -11.33 -13.58
N VAL A 230 -4.81 -10.01 -13.66
CA VAL A 230 -5.57 -9.23 -12.69
C VAL A 230 -7.07 -9.52 -12.81
N GLU A 231 -7.57 -9.59 -14.05
CA GLU A 231 -8.97 -9.93 -14.28
C GLU A 231 -9.29 -11.31 -13.75
N GLN A 232 -8.36 -12.23 -13.93
CA GLN A 232 -8.54 -13.60 -13.49
C GLN A 232 -8.64 -13.70 -11.96
N ILE A 233 -7.80 -12.93 -11.28
CA ILE A 233 -7.72 -12.96 -9.83
C ILE A 233 -8.86 -12.22 -9.12
N LEU A 234 -9.30 -11.11 -9.70
CA LEU A 234 -10.21 -10.18 -9.03
C LEU A 234 -11.48 -10.76 -8.38
N PRO A 235 -12.20 -11.63 -9.10
CA PRO A 235 -13.44 -12.15 -8.48
C PRO A 235 -13.20 -12.91 -7.18
N THR A 236 -12.05 -13.59 -7.07
CA THR A 236 -11.72 -14.31 -5.84
C THR A 236 -11.35 -13.31 -4.75
N LEU A 237 -10.60 -12.30 -5.14
CA LEU A 237 -10.24 -11.20 -4.25
C LEU A 237 -11.48 -10.50 -3.69
N VAL A 238 -12.47 -10.24 -4.55
CA VAL A 238 -13.69 -9.60 -4.09
C VAL A 238 -14.31 -10.47 -2.98
N ARG A 239 -14.31 -11.77 -3.22
CA ARG A 239 -14.88 -12.73 -2.27
CA ARG A 239 -14.88 -12.74 -2.28
C ARG A 239 -14.10 -12.75 -0.94
N LEU A 240 -12.77 -12.76 -1.02
CA LEU A 240 -11.93 -12.75 0.18
C LEU A 240 -12.15 -11.46 0.98
N LEU A 241 -12.47 -10.39 0.27
CA LEU A 241 -12.68 -9.08 0.87
C LEU A 241 -13.95 -9.07 1.75
N HIS A 242 -14.77 -10.11 1.63
CA HIS A 242 -15.99 -10.23 2.42
C HIS A 242 -15.87 -11.32 3.49
N HIS A 243 -14.68 -11.90 3.61
CA HIS A 243 -14.44 -12.94 4.61
C HIS A 243 -14.31 -12.30 5.98
N ASN A 244 -14.47 -13.08 7.04
CA ASN A 244 -14.51 -12.49 8.38
C ASN A 244 -13.20 -12.59 9.18
N ASP A 245 -12.18 -13.20 8.61
CA ASP A 245 -10.88 -13.27 9.30
C ASP A 245 -10.08 -11.99 9.11
N PRO A 246 -9.59 -11.40 10.21
CA PRO A 246 -8.87 -10.13 10.19
C PRO A 246 -7.63 -10.14 9.30
N GLU A 247 -6.87 -11.22 9.31
CA GLU A 247 -5.67 -11.29 8.49
C GLU A 247 -5.99 -11.44 7.01
N VAL A 248 -7.03 -12.21 6.69
CA VAL A 248 -7.45 -12.35 5.31
C VAL A 248 -7.90 -10.99 4.79
N LEU A 249 -8.64 -10.27 5.62
CA LEU A 249 -9.13 -8.94 5.27
C LEU A 249 -7.97 -7.97 5.04
N ALA A 250 -7.01 -7.97 5.96
CA ALA A 250 -5.84 -7.11 5.82
C ALA A 250 -5.12 -7.35 4.49
N ASP A 251 -4.78 -8.60 4.23
CA ASP A 251 -4.05 -8.95 3.02
C ASP A 251 -4.87 -8.71 1.74
N SER A 252 -6.18 -8.93 1.81
CA SER A 252 -7.08 -8.62 0.69
C SER A 252 -7.08 -7.13 0.39
N CYS A 253 -7.12 -6.31 1.44
CA CYS A 253 -7.02 -4.87 1.27
C CYS A 253 -5.66 -4.45 0.68
N TRP A 254 -4.58 -5.07 1.14
CA TRP A 254 -3.28 -4.78 0.54
C TRP A 254 -3.30 -5.08 -0.96
N ALA A 255 -3.86 -6.22 -1.33
CA ALA A 255 -3.93 -6.59 -2.75
C ALA A 255 -4.73 -5.54 -3.51
N ILE A 256 -5.89 -5.16 -2.99
CA ILE A 256 -6.69 -4.13 -3.64
C ILE A 256 -5.92 -2.81 -3.74
N SER A 257 -5.18 -2.46 -2.70
CA SER A 257 -4.40 -1.22 -2.71
C SER A 257 -3.31 -1.24 -3.79
N TYR A 258 -2.65 -2.39 -3.98
CA TYR A 258 -1.64 -2.52 -5.04
C TYR A 258 -2.31 -2.31 -6.40
N LEU A 259 -3.47 -2.93 -6.57
CA LEU A 259 -4.13 -2.94 -7.87
C LEU A 259 -4.66 -1.56 -8.27
N THR A 260 -4.95 -0.72 -7.29
CA THR A 260 -5.51 0.60 -7.58
C THR A 260 -4.46 1.69 -7.59
N ASP A 261 -3.20 1.31 -7.40
CA ASP A 261 -2.09 2.25 -7.46
C ASP A 261 -1.50 2.29 -8.86
N GLY A 262 -2.03 3.17 -9.71
CA GLY A 262 -1.56 3.27 -11.08
C GLY A 262 -2.48 4.11 -11.95
N PRO A 263 -2.44 3.89 -13.27
CA PRO A 263 -3.28 4.61 -14.24
C PRO A 263 -4.76 4.36 -13.96
N ASN A 264 -5.61 5.30 -14.37
CA ASN A 264 -7.05 5.21 -14.09
C ASN A 264 -7.71 3.94 -14.62
N GLU A 265 -7.18 3.41 -15.73
CA GLU A 265 -7.67 2.15 -16.27
C GLU A 265 -7.54 1.02 -15.23
N ARG A 266 -6.44 1.04 -14.49
CA ARG A 266 -6.21 0.04 -13.45
C ARG A 266 -7.21 0.18 -12.33
N ILE A 267 -7.43 1.42 -11.89
CA ILE A 267 -8.43 1.70 -10.88
C ILE A 267 -9.80 1.21 -11.34
N GLU A 268 -10.13 1.53 -12.60
CA GLU A 268 -11.43 1.18 -13.13
C GLU A 268 -11.75 -0.30 -13.01
N MET A 269 -10.79 -1.16 -13.39
CA MET A 269 -11.06 -2.60 -13.35
C MET A 269 -11.37 -3.12 -11.95
N VAL A 270 -10.81 -2.47 -10.93
CA VAL A 270 -11.13 -2.81 -9.54
C VAL A 270 -12.50 -2.23 -9.18
N VAL A 271 -12.68 -0.96 -9.48
CA VAL A 271 -13.88 -0.24 -9.05
C VAL A 271 -15.16 -0.79 -9.69
N LYS A 272 -15.07 -1.29 -10.91
CA LYS A 272 -16.25 -1.85 -11.57
C LYS A 272 -16.67 -3.19 -10.97
N LYS A 273 -15.84 -3.75 -10.09
CA LYS A 273 -16.20 -4.98 -9.38
C LYS A 273 -17.11 -4.69 -8.18
N GLY A 274 -17.32 -3.41 -7.90
CA GLY A 274 -18.24 -2.98 -6.86
C GLY A 274 -17.74 -3.09 -5.44
N VAL A 275 -16.42 -3.04 -5.26
CA VAL A 275 -15.80 -3.25 -3.95
C VAL A 275 -15.74 -2.01 -3.06
N VAL A 276 -16.03 -0.84 -3.62
CA VAL A 276 -15.83 0.40 -2.88
C VAL A 276 -16.64 0.47 -1.56
N PRO A 277 -17.93 0.13 -1.59
CA PRO A 277 -18.69 0.11 -0.33
C PRO A 277 -18.05 -0.82 0.71
N GLN A 278 -17.54 -1.97 0.28
CA GLN A 278 -16.92 -2.89 1.23
C GLN A 278 -15.61 -2.30 1.76
N LEU A 279 -14.86 -1.62 0.91
CA LEU A 279 -13.63 -0.96 1.34
C LEU A 279 -13.91 0.13 2.37
N VAL A 280 -15.01 0.84 2.18
CA VAL A 280 -15.41 1.90 3.10
C VAL A 280 -15.82 1.31 4.43
N LYS A 281 -16.53 0.19 4.40
CA LYS A 281 -16.86 -0.55 5.61
C LYS A 281 -15.58 -0.91 6.38
N LEU A 282 -14.59 -1.42 5.67
CA LEU A 282 -13.32 -1.82 6.31
C LEU A 282 -12.55 -0.60 6.80
N LEU A 283 -12.79 0.53 6.16
CA LEU A 283 -12.18 1.79 6.59
C LEU A 283 -12.55 2.10 8.03
N GLY A 284 -13.72 1.64 8.45
CA GLY A 284 -14.18 1.86 9.81
C GLY A 284 -13.90 0.71 10.75
N ALA A 285 -13.03 -0.21 10.34
CA ALA A 285 -12.68 -1.35 11.19
C ALA A 285 -11.88 -0.90 12.41
N THR A 286 -11.86 -1.73 13.45
CA THR A 286 -11.14 -1.36 14.68
C THR A 286 -9.68 -1.80 14.60
N GLU A 287 -9.40 -2.78 13.74
CA GLU A 287 -8.04 -3.25 13.53
C GLU A 287 -7.23 -2.32 12.62
N LEU A 288 -6.19 -1.71 13.16
CA LEU A 288 -5.29 -0.87 12.40
C LEU A 288 -4.70 -1.57 11.17
N PRO A 289 -4.36 -2.87 11.28
CA PRO A 289 -3.82 -3.58 10.12
C PRO A 289 -4.85 -3.74 8.99
N ILE A 290 -6.12 -3.52 9.28
CA ILE A 290 -7.14 -3.51 8.24
C ILE A 290 -7.36 -2.09 7.71
N VAL A 291 -7.57 -1.14 8.63
CA VAL A 291 -7.78 0.25 8.26
C VAL A 291 -6.67 0.79 7.35
N THR A 292 -5.44 0.43 7.64
CA THR A 292 -4.30 0.99 6.92
C THR A 292 -4.34 0.72 5.41
N PRO A 293 -4.39 -0.56 5.00
CA PRO A 293 -4.45 -0.84 3.57
C PRO A 293 -5.79 -0.42 2.96
N ALA A 294 -6.88 -0.53 3.72
CA ALA A 294 -8.18 -0.08 3.23
C ALA A 294 -8.10 1.40 2.86
N LEU A 295 -7.47 2.17 3.73
CA LEU A 295 -7.33 3.61 3.50
C LEU A 295 -6.40 3.90 2.32
N ARG A 296 -5.32 3.11 2.21
CA ARG A 296 -4.42 3.27 1.06
C ARG A 296 -5.17 3.04 -0.25
N ALA A 297 -6.08 2.06 -0.26
CA ALA A 297 -6.86 1.75 -1.45
C ALA A 297 -7.85 2.87 -1.77
N ILE A 298 -8.49 3.42 -0.74
CA ILE A 298 -9.44 4.51 -0.92
C ILE A 298 -8.70 5.75 -1.43
N GLY A 299 -7.51 6.01 -0.88
CA GLY A 299 -6.67 7.09 -1.36
C GLY A 299 -6.32 6.93 -2.83
N ASN A 300 -5.89 5.72 -3.21
CA ASN A 300 -5.53 5.45 -4.59
C ASN A 300 -6.69 5.72 -5.54
N ILE A 301 -7.88 5.31 -5.13
CA ILE A 301 -9.06 5.40 -5.98
C ILE A 301 -9.43 6.86 -6.28
N VAL A 302 -9.29 7.73 -5.29
CA VAL A 302 -9.63 9.15 -5.47
C VAL A 302 -8.53 9.91 -6.21
N THR A 303 -7.46 9.22 -6.61
CA THR A 303 -6.50 9.81 -7.54
C THR A 303 -7.00 9.65 -8.97
N GLY A 304 -8.14 8.98 -9.13
CA GLY A 304 -8.67 8.68 -10.45
C GLY A 304 -9.60 9.75 -11.00
N THR A 305 -10.55 9.33 -11.84
CA THR A 305 -11.45 10.25 -12.50
C THR A 305 -12.45 10.82 -11.51
N ASP A 306 -13.15 11.87 -11.89
CA ASP A 306 -14.18 12.46 -11.05
C ASP A 306 -15.23 11.42 -10.71
N GLU A 307 -15.53 10.55 -11.67
CA GLU A 307 -16.52 9.49 -11.50
C GLU A 307 -16.05 8.41 -10.51
N GLN A 308 -14.79 8.01 -10.61
CA GLN A 308 -14.23 7.03 -9.68
C GLN A 308 -14.22 7.59 -8.26
N THR A 309 -13.83 8.86 -8.14
CA THR A 309 -13.86 9.56 -6.85
C THR A 309 -15.27 9.63 -6.28
N GLN A 310 -16.26 9.82 -7.15
CA GLN A 310 -17.65 9.97 -6.69
C GLN A 310 -18.19 8.70 -6.05
N LYS A 311 -17.74 7.55 -6.55
CA LYS A 311 -18.12 6.27 -5.96
C LYS A 311 -17.68 6.20 -4.49
N VAL A 312 -16.48 6.67 -4.20
CA VAL A 312 -15.98 6.70 -2.83
C VAL A 312 -16.88 7.56 -1.96
N ILE A 313 -17.22 8.75 -2.44
CA ILE A 313 -18.11 9.65 -1.73
C ILE A 313 -19.51 9.06 -1.54
N ASP A 314 -20.06 8.49 -2.61
CA ASP A 314 -21.39 7.90 -2.57
C ASP A 314 -21.47 6.76 -1.55
N ALA A 315 -20.36 6.07 -1.35
CA ALA A 315 -20.34 4.91 -0.45
C ALA A 315 -20.25 5.31 1.02
N GLY A 316 -20.20 6.61 1.28
CA GLY A 316 -20.23 7.13 2.64
C GLY A 316 -18.86 7.31 3.30
N ALA A 317 -17.82 7.38 2.49
CA ALA A 317 -16.44 7.44 3.01
C ALA A 317 -16.16 8.67 3.86
N LEU A 318 -16.71 9.82 3.47
CA LEU A 318 -16.37 11.06 4.14
C LEU A 318 -16.75 11.05 5.63
N ALA A 319 -17.75 10.25 5.99
CA ALA A 319 -18.22 10.23 7.38
C ALA A 319 -17.20 9.64 8.33
N VAL A 320 -16.20 8.93 7.79
CA VAL A 320 -15.18 8.30 8.62
C VAL A 320 -14.02 9.25 8.88
N PHE A 321 -13.95 10.33 8.11
CA PHE A 321 -12.77 11.20 8.16
C PHE A 321 -12.53 12.05 9.42
N PRO A 322 -13.59 12.38 10.17
CA PRO A 322 -13.31 13.05 11.45
C PRO A 322 -12.43 12.18 12.34
N SER A 323 -12.66 10.88 12.36
CA SER A 323 -11.80 9.95 13.10
C SER A 323 -10.43 9.81 12.45
N LEU A 324 -10.41 9.59 11.14
CA LEU A 324 -9.14 9.39 10.44
C LEU A 324 -8.22 10.60 10.55
N LEU A 325 -8.79 11.80 10.41
CA LEU A 325 -8.01 13.03 10.46
C LEU A 325 -7.53 13.38 11.88
N THR A 326 -8.01 12.63 12.88
CA THR A 326 -7.52 12.81 14.25
C THR A 326 -6.97 11.52 14.83
N ASN A 327 -6.71 10.54 13.97
CA ASN A 327 -6.25 9.22 14.39
C ASN A 327 -4.89 9.30 15.10
N PRO A 328 -4.75 8.56 16.20
CA PRO A 328 -3.50 8.53 17.00
C PRO A 328 -2.28 8.13 16.17
N LYS A 329 -2.45 7.28 15.15
CA LYS A 329 -1.34 6.88 14.30
C LYS A 329 -1.08 7.92 13.23
N THR A 330 0.12 8.50 13.22
CA THR A 330 0.42 9.62 12.33
C THR A 330 0.33 9.23 10.85
N ASN A 331 0.66 7.99 10.55
CA ASN A 331 0.57 7.51 9.18
C ASN A 331 -0.88 7.50 8.65
N ILE A 332 -1.82 7.15 9.51
CA ILE A 332 -3.25 7.23 9.17
C ILE A 332 -3.67 8.68 8.87
N GLN A 333 -3.24 9.62 9.72
CA GLN A 333 -3.56 11.03 9.50
C GLN A 333 -2.96 11.53 8.20
N LYS A 334 -1.74 11.08 7.88
CA LYS A 334 -1.09 11.49 6.65
C LYS A 334 -1.83 10.95 5.41
N GLU A 335 -2.07 9.65 5.38
CA GLU A 335 -2.81 9.03 4.28
C GLU A 335 -4.19 9.67 4.12
N ALA A 336 -4.87 9.89 5.25
CA ALA A 336 -6.22 10.47 5.23
C ALA A 336 -6.21 11.90 4.70
N THR A 337 -5.19 12.65 5.05
CA THR A 337 -5.08 14.03 4.60
C THR A 337 -4.70 14.08 3.12
N TRP A 338 -3.87 13.14 2.69
CA TRP A 338 -3.52 13.01 1.27
C TRP A 338 -4.78 12.72 0.47
N THR A 339 -5.56 11.76 0.97
CA THR A 339 -6.84 11.41 0.38
C THR A 339 -7.74 12.66 0.23
N MET A 340 -7.89 13.40 1.33
CA MET A 340 -8.69 14.62 1.31
C MET A 340 -8.21 15.61 0.25
N SER A 341 -6.89 15.73 0.12
CA SER A 341 -6.31 16.65 -0.86
C SER A 341 -6.70 16.29 -2.28
N ASN A 342 -6.80 14.99 -2.58
CA ASN A 342 -7.20 14.56 -3.91
C ASN A 342 -8.71 14.70 -4.12
N ILE A 343 -9.46 14.67 -3.02
CA ILE A 343 -10.89 14.89 -3.11
C ILE A 343 -11.20 16.38 -3.28
N THR A 344 -10.40 17.25 -2.67
CA THR A 344 -10.62 18.68 -2.82
C THR A 344 -10.06 19.18 -4.16
N ALA A 345 -9.41 18.28 -4.88
CA ALA A 345 -8.98 18.56 -6.25
C ALA A 345 -10.09 18.17 -7.21
N GLY A 346 -11.21 17.72 -6.66
CA GLY A 346 -12.32 17.24 -7.47
C GLY A 346 -13.29 18.33 -7.92
N ARG A 347 -14.51 17.94 -8.28
CA ARG A 347 -15.51 18.88 -8.76
C ARG A 347 -16.03 19.75 -7.63
N GLN A 348 -16.64 20.87 -7.99
CA GLN A 348 -17.18 21.78 -6.99
C GLN A 348 -18.24 21.12 -6.10
N ASP A 349 -19.00 20.19 -6.66
CA ASP A 349 -20.00 19.46 -5.89
C ASP A 349 -19.36 18.44 -4.95
N GLN A 350 -18.15 18.01 -5.28
CA GLN A 350 -17.41 17.09 -4.42
C GLN A 350 -16.77 17.87 -3.28
N ILE A 351 -16.22 19.04 -3.58
CA ILE A 351 -15.79 19.96 -2.54
C ILE A 351 -16.94 20.25 -1.58
N GLN A 352 -18.14 20.43 -2.12
CA GLN A 352 -19.31 20.75 -1.30
C GLN A 352 -19.61 19.64 -0.29
N GLN A 353 -19.40 18.40 -0.71
CA GLN A 353 -19.55 17.24 0.16
C GLN A 353 -18.56 17.29 1.32
N VAL A 354 -17.32 17.66 1.02
CA VAL A 354 -16.32 17.87 2.07
C VAL A 354 -16.85 18.90 3.06
N VAL A 355 -17.39 19.99 2.53
CA VAL A 355 -17.99 21.03 3.35
C VAL A 355 -19.15 20.49 4.19
N ASN A 356 -20.13 19.86 3.55
CA ASN A 356 -21.30 19.33 4.26
C ASN A 356 -20.94 18.36 5.39
N HIS A 357 -19.96 17.50 5.14
CA HIS A 357 -19.53 16.54 6.15
C HIS A 357 -18.75 17.18 7.31
N GLY A 358 -18.61 18.50 7.28
CA GLY A 358 -17.93 19.23 8.35
C GLY A 358 -16.43 18.99 8.39
N LEU A 359 -15.83 18.68 7.25
CA LEU A 359 -14.43 18.28 7.22
C LEU A 359 -13.43 19.44 7.11
N VAL A 360 -13.89 20.61 6.74
CA VAL A 360 -12.98 21.75 6.64
C VAL A 360 -12.36 22.13 8.00
N PRO A 361 -13.17 22.14 9.07
CA PRO A 361 -12.54 22.41 10.37
C PRO A 361 -11.51 21.32 10.71
N PHE A 362 -11.71 20.12 10.20
CA PHE A 362 -10.74 19.05 10.43
C PHE A 362 -9.46 19.30 9.63
N LEU A 363 -9.58 19.92 8.46
CA LEU A 363 -8.41 20.31 7.69
C LEU A 363 -7.67 21.48 8.36
N VAL A 364 -8.41 22.47 8.83
CA VAL A 364 -7.80 23.53 9.63
C VAL A 364 -7.02 22.90 10.81
N GLY A 365 -7.61 21.89 11.42
CA GLY A 365 -6.99 21.16 12.51
C GLY A 365 -5.62 20.58 12.19
N VAL A 366 -5.53 19.78 11.13
CA VAL A 366 -4.25 19.17 10.76
C VAL A 366 -3.25 20.21 10.24
N LEU A 367 -3.75 21.25 9.57
CA LEU A 367 -2.86 22.34 9.15
C LEU A 367 -2.26 23.01 10.39
N SER A 368 -3.06 23.10 11.45
CA SER A 368 -2.64 23.77 12.68
C SER A 368 -1.64 22.95 13.50
N LYS A 369 -1.89 21.65 13.59
CA LYS A 369 -1.04 20.79 14.41
C LYS A 369 -1.08 19.35 13.93
N ALA A 370 0.07 18.86 13.48
CA ALA A 370 0.20 17.49 13.01
C ALA A 370 1.69 17.30 12.71
N ASP A 371 2.12 16.06 12.46
CA ASP A 371 3.48 15.87 12.01
C ASP A 371 3.64 16.64 10.70
N PHE A 372 4.87 17.06 10.38
CA PHE A 372 5.09 17.91 9.22
C PHE A 372 4.59 17.32 7.90
N LYS A 373 4.76 16.02 7.72
CA LYS A 373 4.31 15.37 6.49
C LYS A 373 2.82 15.55 6.27
N THR A 374 2.04 15.35 7.34
CA THR A 374 0.59 15.53 7.29
C THR A 374 0.23 16.98 7.02
N GLN A 375 0.96 17.91 7.64
CA GLN A 375 0.74 19.34 7.42
C GLN A 375 0.92 19.71 5.94
N LYS A 376 1.93 19.14 5.30
CA LYS A 376 2.16 19.35 3.87
C LYS A 376 0.99 18.88 3.01
N GLU A 377 0.43 17.72 3.36
CA GLU A 377 -0.73 17.21 2.64
C GLU A 377 -1.91 18.13 2.88
N ALA A 378 -1.99 18.68 4.09
CA ALA A 378 -3.07 19.60 4.44
C ALA A 378 -2.94 20.86 3.59
N ALA A 379 -1.71 21.30 3.39
CA ALA A 379 -1.45 22.47 2.57
C ALA A 379 -1.90 22.21 1.14
N TRP A 380 -1.55 21.04 0.61
CA TRP A 380 -1.99 20.65 -0.72
C TRP A 380 -3.52 20.65 -0.82
N ALA A 381 -4.19 20.08 0.18
CA ALA A 381 -5.64 20.02 0.20
C ALA A 381 -6.25 21.41 0.12
N ILE A 382 -5.59 22.36 0.77
CA ILE A 382 -6.06 23.74 0.75
C ILE A 382 -5.85 24.42 -0.60
N THR A 383 -4.68 24.22 -1.19
CA THR A 383 -4.41 24.78 -2.52
C THR A 383 -5.34 24.19 -3.56
N ASN A 384 -5.55 22.88 -3.50
CA ASN A 384 -6.49 22.23 -4.41
C ASN A 384 -7.91 22.76 -4.24
N TYR A 385 -8.34 22.86 -2.99
CA TYR A 385 -9.65 23.42 -2.64
C TYR A 385 -9.84 24.82 -3.23
N THR A 386 -8.86 25.69 -3.01
CA THR A 386 -8.97 27.08 -3.46
C THR A 386 -8.79 27.24 -4.97
N SER A 387 -8.20 26.24 -5.61
CA SER A 387 -8.05 26.27 -7.06
C SER A 387 -9.35 25.89 -7.77
N GLY A 388 -10.09 24.94 -7.19
CA GLY A 388 -11.27 24.41 -7.84
C GLY A 388 -12.59 24.88 -7.26
N GLY A 389 -12.53 25.50 -6.07
CA GLY A 389 -13.73 25.88 -5.36
C GLY A 389 -14.39 27.16 -5.85
N THR A 390 -15.67 27.32 -5.51
CA THR A 390 -16.39 28.55 -5.78
C THR A 390 -15.94 29.61 -4.79
N VAL A 391 -16.27 30.86 -5.10
CA VAL A 391 -16.00 31.97 -4.21
C VAL A 391 -16.60 31.70 -2.83
N GLU A 392 -17.84 31.21 -2.79
CA GLU A 392 -18.53 30.97 -1.53
C GLU A 392 -17.83 29.89 -0.69
N GLN A 393 -17.41 28.82 -1.35
CA GLN A 393 -16.68 27.75 -0.69
C GLN A 393 -15.35 28.27 -0.12
N ILE A 394 -14.70 29.15 -0.86
CA ILE A 394 -13.44 29.75 -0.42
C ILE A 394 -13.65 30.68 0.76
N VAL A 395 -14.72 31.47 0.71
CA VAL A 395 -15.09 32.34 1.83
C VAL A 395 -15.31 31.49 3.09
N TYR A 396 -16.04 30.39 2.93
CA TYR A 396 -16.28 29.47 4.03
C TYR A 396 -14.96 29.01 4.65
N LEU A 397 -14.01 28.68 3.78
CA LEU A 397 -12.68 28.27 4.22
C LEU A 397 -12.05 29.31 5.16
N VAL A 398 -12.11 30.57 4.76
CA VAL A 398 -11.53 31.62 5.59
C VAL A 398 -12.25 31.73 6.93
N HIS A 399 -13.58 31.64 6.91
CA HIS A 399 -14.38 31.70 8.14
C HIS A 399 -14.10 30.55 9.10
N CYS A 400 -13.59 29.42 8.60
CA CYS A 400 -13.23 28.32 9.49
C CYS A 400 -11.87 28.53 10.15
N GLY A 401 -11.13 29.54 9.70
CA GLY A 401 -9.88 29.92 10.33
C GLY A 401 -8.63 29.41 9.63
N ILE A 402 -8.69 29.23 8.32
CA ILE A 402 -7.56 28.65 7.59
C ILE A 402 -6.35 29.59 7.56
N ILE A 403 -6.59 30.89 7.60
CA ILE A 403 -5.53 31.86 7.35
C ILE A 403 -4.36 31.77 8.32
N GLU A 404 -4.64 31.78 9.62
CA GLU A 404 -3.56 31.81 10.60
C GLU A 404 -2.62 30.61 10.48
N PRO A 405 -3.16 29.37 10.57
CA PRO A 405 -2.26 28.21 10.45
C PRO A 405 -1.56 28.15 9.09
N LEU A 406 -2.21 28.68 8.07
CA LEU A 406 -1.61 28.70 6.73
C LEU A 406 -0.35 29.56 6.75
N MET A 407 -0.47 30.76 7.33
CA MET A 407 0.65 31.66 7.46
C MET A 407 1.77 31.08 8.32
N ASN A 408 1.41 30.47 9.43
CA ASN A 408 2.40 29.89 10.35
C ASN A 408 3.29 28.88 9.66
N LEU A 409 2.75 28.18 8.67
CA LEU A 409 3.50 27.17 7.93
C LEU A 409 4.55 27.74 6.99
N LEU A 410 4.51 29.05 6.77
CA LEU A 410 5.48 29.71 5.90
C LEU A 410 6.87 29.77 6.54
N SER A 411 6.94 29.40 7.81
CA SER A 411 8.22 29.35 8.50
C SER A 411 8.94 28.04 8.16
N ALA A 412 8.24 27.17 7.44
CA ALA A 412 8.80 25.87 7.07
C ALA A 412 9.94 26.02 6.09
N LYS A 413 10.97 25.18 6.26
CA LYS A 413 12.13 25.22 5.38
C LYS A 413 11.81 24.59 4.03
N ASP A 414 10.86 23.68 4.01
CA ASP A 414 10.45 23.02 2.78
C ASP A 414 10.09 24.06 1.72
N THR A 415 10.83 24.06 0.62
CA THR A 415 10.58 25.01 -0.47
C THR A 415 9.28 24.74 -1.21
N LYS A 416 8.93 23.46 -1.35
CA LYS A 416 7.73 23.09 -2.09
C LYS A 416 6.44 23.51 -1.38
N ILE A 417 6.40 23.35 -0.06
CA ILE A 417 5.20 23.70 0.69
C ILE A 417 4.99 25.21 0.67
N ILE A 418 6.10 25.96 0.67
CA ILE A 418 6.00 27.41 0.60
C ILE A 418 5.32 27.82 -0.70
N GLN A 419 5.70 27.19 -1.80
CA GLN A 419 5.06 27.41 -3.08
C GLN A 419 3.57 27.09 -3.01
N VAL A 420 3.25 25.94 -2.43
CA VAL A 420 1.87 25.50 -2.28
C VAL A 420 1.05 26.55 -1.51
N ILE A 421 1.62 27.00 -0.39
CA ILE A 421 0.94 27.98 0.46
C ILE A 421 0.75 29.33 -0.23
N LEU A 422 1.80 29.81 -0.89
CA LEU A 422 1.72 31.09 -1.61
C LEU A 422 0.62 31.04 -2.66
N ASP A 423 0.58 29.96 -3.43
CA ASP A 423 -0.48 29.74 -4.41
C ASP A 423 -1.86 29.85 -3.78
N ALA A 424 -2.09 29.10 -2.71
CA ALA A 424 -3.36 29.12 -2.01
C ALA A 424 -3.75 30.56 -1.64
N ILE A 425 -2.79 31.27 -1.07
CA ILE A 425 -3.01 32.66 -0.66
C ILE A 425 -3.38 33.52 -1.86
N SER A 426 -2.70 33.30 -2.98
CA SER A 426 -3.04 33.97 -4.22
C SER A 426 -4.50 33.68 -4.61
N ASN A 427 -4.87 32.41 -4.56
CA ASN A 427 -6.23 32.00 -4.90
C ASN A 427 -7.29 32.64 -4.02
N ILE A 428 -6.97 32.80 -2.73
CA ILE A 428 -7.92 33.38 -1.79
C ILE A 428 -8.09 34.87 -2.05
N PHE A 429 -7.01 35.56 -2.38
CA PHE A 429 -7.09 36.96 -2.74
C PHE A 429 -7.94 37.15 -3.99
N GLN A 430 -7.76 36.25 -4.95
CA GLN A 430 -8.54 36.30 -6.18
C GLN A 430 -10.04 36.19 -5.92
N ALA A 431 -10.40 35.48 -4.86
CA ALA A 431 -11.81 35.35 -4.49
C ALA A 431 -12.29 36.60 -3.77
N ALA A 432 -11.40 37.20 -3.00
CA ALA A 432 -11.73 38.41 -2.26
C ALA A 432 -11.82 39.60 -3.22
N GLU A 433 -11.18 39.48 -4.37
CA GLU A 433 -11.27 40.52 -5.39
C GLU A 433 -12.65 40.57 -6.02
N LYS A 434 -13.23 39.40 -6.27
CA LYS A 434 -14.59 39.31 -6.77
C LYS A 434 -15.58 39.93 -5.78
N LEU A 435 -15.24 39.87 -4.49
CA LEU A 435 -16.13 40.36 -3.44
C LEU A 435 -15.76 41.76 -2.95
N GLY A 436 -14.68 42.34 -3.49
CA GLY A 436 -14.20 43.63 -3.05
C GLY A 436 -13.71 43.60 -1.61
N GLU A 437 -13.43 42.39 -1.12
CA GLU A 437 -13.04 42.18 0.27
C GLU A 437 -11.53 42.06 0.44
N THR A 438 -10.77 42.38 -0.61
CA THR A 438 -9.33 42.22 -0.58
C THR A 438 -8.67 42.79 0.68
N GLU A 439 -9.15 43.93 1.13
CA GLU A 439 -8.53 44.60 2.28
C GLU A 439 -8.82 43.89 3.61
N LYS A 440 -10.00 43.28 3.73
CA LYS A 440 -10.30 42.51 4.93
C LYS A 440 -9.31 41.36 5.08
N LEU A 441 -8.86 40.82 3.95
CA LEU A 441 -7.92 39.70 3.95
C LEU A 441 -6.50 40.17 4.24
N SER A 442 -6.11 41.29 3.63
CA SER A 442 -4.80 41.87 3.88
C SER A 442 -4.58 42.10 5.37
N ILE A 443 -5.60 42.67 6.01
CA ILE A 443 -5.57 42.92 7.45
C ILE A 443 -5.47 41.62 8.24
N MET A 444 -6.21 40.61 7.81
CA MET A 444 -6.19 39.30 8.46
C MET A 444 -4.80 38.69 8.45
N ILE A 445 -4.12 38.81 7.31
CA ILE A 445 -2.77 38.27 7.15
C ILE A 445 -1.77 39.11 7.92
N GLU A 446 -2.09 40.39 8.07
CA GLU A 446 -1.24 41.33 8.76
C GLU A 446 -1.18 41.03 10.25
N GLU A 447 -2.36 40.80 10.83
CA GLU A 447 -2.49 40.67 12.28
C GLU A 447 -2.01 39.33 12.86
N CYS A 448 -1.89 38.31 12.02
CA CYS A 448 -1.41 37.02 12.50
C CYS A 448 0.06 36.80 12.17
N GLY A 449 0.71 37.85 11.66
CA GLY A 449 2.13 37.82 11.41
C GLY A 449 2.48 37.33 10.01
N GLY A 450 1.46 37.13 9.18
CA GLY A 450 1.64 36.60 7.85
C GLY A 450 2.41 37.51 6.92
N LEU A 451 2.08 38.80 6.94
CA LEU A 451 2.75 39.77 6.08
C LEU A 451 4.25 39.80 6.35
N ASP A 452 4.63 39.68 7.62
CA ASP A 452 6.05 39.63 7.97
C ASP A 452 6.70 38.46 7.27
N LYS A 453 5.99 37.34 7.20
CA LYS A 453 6.50 36.13 6.58
C LYS A 453 6.56 36.23 5.06
N ILE A 454 5.57 36.88 4.45
CA ILE A 454 5.58 37.10 3.01
C ILE A 454 6.71 38.04 2.63
N GLU A 455 6.97 39.01 3.51
CA GLU A 455 8.00 40.01 3.26
C GLU A 455 9.37 39.38 3.10
N ALA A 456 9.76 38.59 4.10
CA ALA A 456 11.05 37.90 4.08
C ALA A 456 11.23 37.05 2.83
N LEU A 457 10.16 36.37 2.43
CA LEU A 457 10.20 35.47 1.28
C LEU A 457 10.67 36.17 0.00
N GLN A 458 10.55 37.50 -0.06
CA GLN A 458 11.03 38.26 -1.21
C GLN A 458 12.52 38.01 -1.43
N ARG A 459 13.21 37.62 -0.36
CA ARG A 459 14.64 37.36 -0.42
C ARG A 459 14.96 35.88 -0.42
N HIS A 460 13.94 35.05 -0.66
CA HIS A 460 14.12 33.61 -0.67
C HIS A 460 14.98 33.16 -1.85
N GLU A 461 15.59 31.99 -1.72
CA GLU A 461 16.48 31.48 -2.76
C GLU A 461 15.73 31.13 -4.04
N ASN A 462 14.67 30.34 -3.92
CA ASN A 462 13.93 29.86 -5.08
C ASN A 462 13.31 30.98 -5.92
N GLU A 463 13.39 30.83 -7.24
CA GLU A 463 12.92 31.87 -8.16
C GLU A 463 11.42 32.12 -8.04
N SER A 464 10.63 31.07 -8.21
CA SER A 464 9.17 31.21 -8.18
C SER A 464 8.66 31.66 -6.80
N VAL A 465 9.42 31.36 -5.75
CA VAL A 465 9.01 31.74 -4.40
C VAL A 465 9.05 33.27 -4.21
N TYR A 466 10.20 33.88 -4.43
CA TYR A 466 10.30 35.33 -4.26
C TYR A 466 9.46 36.07 -5.29
N LYS A 467 9.33 35.49 -6.48
CA LYS A 467 8.49 36.07 -7.52
C LYS A 467 7.02 36.06 -7.09
N ALA A 468 6.57 34.93 -6.56
CA ALA A 468 5.20 34.77 -6.10
C ALA A 468 4.89 35.73 -4.95
N SER A 469 5.85 35.89 -4.04
CA SER A 469 5.65 36.72 -2.86
C SER A 469 5.75 38.22 -3.16
N LEU A 470 6.66 38.59 -4.05
CA LEU A 470 6.75 39.98 -4.50
C LEU A 470 5.42 40.42 -5.09
N ASN A 471 4.85 39.56 -5.93
CA ASN A 471 3.56 39.83 -6.54
C ASN A 471 2.48 40.08 -5.48
N LEU A 472 2.44 39.25 -4.46
CA LEU A 472 1.45 39.40 -3.39
C LEU A 472 1.56 40.75 -2.69
N ILE A 473 2.78 41.12 -2.30
CA ILE A 473 3.04 42.36 -1.59
C ILE A 473 2.72 43.61 -2.42
N GLU A 474 3.39 43.74 -3.56
CA GLU A 474 3.23 44.92 -4.40
C GLU A 474 1.84 45.01 -5.03
N LYS A 475 0.98 44.06 -4.67
CA LYS A 475 -0.37 44.03 -5.19
C LYS A 475 -1.42 44.29 -4.10
N TYR A 476 -1.43 43.46 -3.07
CA TYR A 476 -2.46 43.57 -2.03
C TYR A 476 -1.96 44.25 -0.75
N PHE A 477 -0.66 44.47 -0.67
CA PHE A 477 -0.07 45.06 0.54
C PHE A 477 0.63 46.39 0.27
N SER A 478 0.01 47.22 -0.57
CA SER A 478 0.55 48.55 -0.88
C SER A 478 -0.46 49.63 -0.48
N ARG B 6 -8.32 24.85 -11.45
CA ARG B 6 -8.46 23.53 -10.84
C ARG B 6 -7.26 22.62 -11.11
N ARG B 7 -6.66 22.12 -10.03
CA ARG B 7 -5.43 21.31 -10.12
C ARG B 7 -5.71 19.85 -10.51
N ARG B 8 -4.65 19.14 -10.90
CA ARG B 8 -4.76 17.73 -11.19
C ARG B 8 -4.61 16.89 -9.92
N LYS B 9 -5.03 15.63 -10.01
CA LYS B 9 -4.86 14.67 -8.93
C LYS B 9 -3.38 14.37 -8.76
N ARG B 10 -2.99 13.98 -7.56
CA ARG B 10 -1.61 13.60 -7.29
C ARG B 10 -1.55 12.11 -6.97
N LYS B 11 -0.98 11.33 -7.89
CA LYS B 11 -0.82 9.88 -7.70
C LYS B 11 0.12 9.60 -6.54
N ARG B 12 0.07 8.38 -6.03
CA ARG B 12 0.91 7.99 -4.89
C ARG B 12 2.39 8.05 -5.24
N GLU B 13 3.18 8.69 -4.39
CA GLU B 13 4.63 8.69 -4.56
C GLU B 13 5.22 7.44 -3.93
N TRP B 14 6.09 6.76 -4.68
CA TRP B 14 6.64 5.47 -4.25
C TRP B 14 7.23 5.50 -2.84
N ASP B 15 7.13 4.38 -2.15
CA ASP B 15 7.65 4.25 -0.79
C ASP B 15 7.31 2.89 -0.16
N ASP B 16 8.31 2.27 0.45
CA ASP B 16 8.11 1.07 1.25
C ASP B 16 8.48 1.34 2.71
N ASP B 17 7.51 1.85 3.47
CA ASP B 17 7.72 2.11 4.89
C ASP B 17 6.57 1.48 5.66
N ASP B 18 5.36 1.83 5.27
CA ASP B 18 4.16 1.24 5.82
C ASP B 18 3.89 -0.08 5.13
N ASP B 19 4.50 -0.27 3.96
CA ASP B 19 4.35 -1.49 3.18
C ASP B 19 4.71 -2.72 3.99
N PRO B 20 3.88 -3.77 3.87
CA PRO B 20 4.11 -5.03 4.59
C PRO B 20 5.23 -5.84 3.92
N PRO B 21 5.79 -6.82 4.65
CA PRO B 21 6.94 -7.56 4.12
C PRO B 21 6.63 -8.21 2.77
N LYS B 22 7.64 -8.25 1.90
CA LYS B 22 7.53 -8.93 0.62
C LYS B 22 7.53 -10.44 0.81
N LYS B 23 8.26 -10.92 1.81
CA LYS B 23 8.51 -12.34 1.97
C LYS B 23 8.30 -12.77 3.42
N ARG B 24 8.11 -14.07 3.63
CA ARG B 24 7.87 -14.61 4.96
C ARG B 24 8.66 -15.90 5.15
N ARG B 25 9.43 -15.95 6.23
CA ARG B 25 10.18 -17.14 6.56
C ARG B 25 9.36 -17.92 7.58
N ARG B 26 9.19 -19.22 7.36
CA ARG B 26 8.42 -20.03 8.30
C ARG B 26 9.30 -20.50 9.46
N LEU B 27 8.92 -20.13 10.68
CA LEU B 27 9.71 -20.43 11.87
C LEU B 27 9.26 -21.71 12.57
N ASP B 28 8.00 -22.10 12.36
CA ASP B 28 7.49 -23.32 12.95
C ASP B 28 6.18 -23.78 12.32
#